data_1S7J
#
_entry.id   1S7J
#
_cell.length_a   60.800
_cell.length_b   85.740
_cell.length_c   105.400
_cell.angle_alpha   90.00
_cell.angle_beta   90.00
_cell.angle_gamma   90.00
#
_symmetry.space_group_name_H-M   'P 21 21 21'
#
loop_
_entity.id
_entity.type
_entity.pdbx_description
1 polymer 'phenazine biosynthesis protein PhzF family'
2 water water
#
_entity_poly.entity_id   1
_entity_poly.type   'polypeptide(L)'
_entity_poly.pdbx_seq_one_letter_code
;MSYPYYIVDAFAEEVFKGNPAAVYVLEKWLPEAVMQNIAIENNLSETAFTVKEGQSYALRWFTPEREIDLCGHATLATAF
VLFNYYSVAEETLHFTSQSGPLAVTKKEEYYYLDFPYILPERIPILPEYEAALGTKIYEAYLGRDLFFVLKDEETVAKIT
PDFSALKALDLGVGVIVTASGDSVDFVSRTFFPKLRINEDPVCGSAHANLIPYWGKRLNQTTLSAYQVSPRGGFLTCEVK
ENRVIIGGTAKLFAKGEAYLPV
;
_entity_poly.pdbx_strand_id   A,B
#
# COMPACT_ATOMS: atom_id res chain seq x y z
N MET A 1 3.24 35.40 -7.86
CA MET A 1 3.26 35.49 -9.35
C MET A 1 4.34 34.55 -9.93
N SER A 2 5.42 34.36 -9.19
CA SER A 2 6.52 33.48 -9.64
C SER A 2 6.54 32.12 -8.87
N TYR A 3 6.51 31.03 -9.63
CA TYR A 3 6.51 29.68 -9.06
C TYR A 3 7.57 28.81 -9.70
N PRO A 4 8.65 28.52 -8.98
CA PRO A 4 9.72 27.69 -9.54
C PRO A 4 9.22 26.29 -9.96
N TYR A 5 9.80 25.74 -11.03
CA TYR A 5 9.43 24.41 -11.48
C TYR A 5 10.62 23.72 -12.01
N TYR A 6 10.54 22.40 -12.17
CA TYR A 6 11.63 21.59 -12.67
C TYR A 6 11.07 20.56 -13.62
N ILE A 7 11.84 20.21 -14.64
CA ILE A 7 11.45 19.21 -15.60
C ILE A 7 12.52 18.19 -15.53
N VAL A 8 12.21 17.00 -15.04
CA VAL A 8 13.20 15.97 -14.93
C VAL A 8 12.84 14.68 -15.63
N ASP A 9 13.83 14.05 -16.21
CA ASP A 9 13.66 12.79 -16.88
C ASP A 9 14.01 11.70 -15.86
N ALA A 10 12.98 11.09 -15.28
CA ALA A 10 13.16 10.05 -14.28
C ALA A 10 13.63 8.76 -14.93
N PHE A 11 14.56 8.08 -14.27
CA PHE A 11 15.15 6.82 -14.75
C PHE A 11 16.05 7.03 -15.94
N ALA A 12 16.58 8.24 -16.06
CA ALA A 12 17.46 8.59 -17.16
C ALA A 12 18.80 9.07 -16.68
N GLU A 13 19.85 8.70 -17.40
CA GLU A 13 21.22 9.09 -17.11
C GLU A 13 21.55 10.43 -17.82
N GLU A 14 20.84 10.64 -18.94
CA GLU A 14 21.02 11.83 -19.77
C GLU A 14 19.63 12.30 -20.24
N VAL A 15 19.53 13.56 -20.68
CA VAL A 15 18.24 14.09 -21.13
C VAL A 15 17.77 13.39 -22.39
N PHE A 16 16.46 13.51 -22.65
CA PHE A 16 15.78 12.88 -23.81
C PHE A 16 15.52 11.39 -23.59
N LYS A 17 16.01 10.86 -22.45
CA LYS A 17 15.79 9.45 -22.11
C LYS A 17 14.88 9.36 -20.88
N GLY A 18 14.72 8.17 -20.35
CA GLY A 18 13.87 8.00 -19.17
C GLY A 18 12.44 8.44 -19.40
N ASN A 19 11.78 8.86 -18.33
CA ASN A 19 10.39 9.30 -18.40
C ASN A 19 10.30 10.68 -17.77
N PRO A 20 9.88 11.70 -18.54
CA PRO A 20 9.75 13.09 -18.11
C PRO A 20 8.55 13.46 -17.28
N ALA A 21 8.77 14.39 -16.34
CA ALA A 21 7.73 14.90 -15.47
C ALA A 21 8.11 16.30 -14.99
N ALA A 22 7.11 17.12 -14.71
CA ALA A 22 7.34 18.47 -14.21
C ALA A 22 7.00 18.44 -12.74
N VAL A 23 7.83 19.05 -11.89
CA VAL A 23 7.53 19.07 -10.47
C VAL A 23 7.53 20.49 -9.92
N TYR A 24 6.48 20.82 -9.16
CA TYR A 24 6.34 22.13 -8.56
C TYR A 24 6.36 22.03 -7.06
N VAL A 25 7.38 22.61 -6.42
CA VAL A 25 7.46 22.61 -4.97
C VAL A 25 6.89 23.96 -4.55
N LEU A 26 5.66 23.91 -4.01
CA LEU A 26 4.94 25.10 -3.57
C LEU A 26 5.05 25.33 -2.06
N GLU A 27 4.89 26.58 -1.65
CA GLU A 27 4.95 26.93 -0.23
C GLU A 27 3.58 26.76 0.43
N LYS A 28 2.55 26.64 -0.42
CA LYS A 28 1.16 26.44 -0.01
C LYS A 28 0.40 25.87 -1.22
N TRP A 29 -0.78 25.34 -0.97
CA TRP A 29 -1.56 24.76 -2.04
C TRP A 29 -2.29 25.72 -2.96
N LEU A 30 -2.18 25.45 -4.26
CA LEU A 30 -2.85 26.23 -5.28
C LEU A 30 -4.23 25.58 -5.45
N PRO A 31 -5.19 26.32 -6.01
CA PRO A 31 -6.54 25.75 -6.21
C PRO A 31 -6.44 24.55 -7.17
N GLU A 32 -7.35 23.60 -7.03
CA GLU A 32 -7.37 22.40 -7.88
C GLU A 32 -7.35 22.76 -9.36
N ALA A 33 -8.16 23.74 -9.74
CA ALA A 33 -8.28 24.21 -11.13
C ALA A 33 -6.93 24.67 -11.70
N VAL A 34 -6.25 25.52 -10.96
CA VAL A 34 -4.98 26.04 -11.38
C VAL A 34 -3.94 24.95 -11.61
N MET A 35 -3.93 23.96 -10.74
CA MET A 35 -2.98 22.87 -10.87
C MET A 35 -3.30 22.01 -12.09
N GLN A 36 -4.58 21.88 -12.40
CA GLN A 36 -5.03 21.11 -13.56
C GLN A 36 -4.59 21.85 -14.81
N ASN A 37 -4.86 23.15 -14.82
CA ASN A 37 -4.51 24.01 -15.94
C ASN A 37 -3.03 24.04 -16.22
N ILE A 38 -2.22 23.93 -15.17
CA ILE A 38 -0.77 23.93 -15.36
C ILE A 38 -0.35 22.66 -16.05
N ALA A 39 -1.03 21.55 -15.72
CA ALA A 39 -0.72 20.24 -16.30
C ALA A 39 -1.13 20.19 -17.76
N ILE A 40 -2.22 20.86 -18.09
CA ILE A 40 -2.70 20.91 -19.46
C ILE A 40 -1.68 21.73 -20.27
N GLU A 41 -1.33 22.87 -19.69
CA GLU A 41 -0.39 23.83 -20.26
C GLU A 41 0.97 23.27 -20.69
N ASN A 42 1.71 22.64 -19.78
CA ASN A 42 3.01 22.10 -20.15
C ASN A 42 2.92 20.79 -20.90
N ASN A 43 1.68 20.25 -20.96
CA ASN A 43 1.36 19.02 -21.68
C ASN A 43 2.31 17.83 -21.47
N LEU A 44 2.92 17.76 -20.30
CA LEU A 44 3.83 16.66 -20.01
C LEU A 44 3.06 15.46 -19.47
N SER A 45 3.73 14.31 -19.45
CA SER A 45 3.12 13.05 -18.96
C SER A 45 2.33 13.31 -17.67
N GLU A 46 3.02 13.81 -16.65
CA GLU A 46 2.42 14.13 -15.37
C GLU A 46 3.12 15.37 -14.81
N THR A 47 2.40 16.12 -13.99
CA THR A 47 2.91 17.32 -13.33
C THR A 47 2.65 17.12 -11.84
N ALA A 48 3.71 16.97 -11.06
CA ALA A 48 3.59 16.76 -9.62
C ALA A 48 3.72 18.05 -8.82
N PHE A 49 2.79 18.26 -7.90
CA PHE A 49 2.79 19.43 -7.03
C PHE A 49 2.95 18.93 -5.60
N THR A 50 3.87 19.53 -4.84
CA THR A 50 4.10 19.12 -3.46
C THR A 50 4.24 20.31 -2.52
N VAL A 51 3.84 20.11 -1.27
CA VAL A 51 3.94 21.15 -0.24
C VAL A 51 4.29 20.50 1.11
N LYS A 52 5.39 20.96 1.71
CA LYS A 52 5.85 20.43 2.99
C LYS A 52 4.79 20.64 4.06
N GLU A 53 4.28 19.54 4.60
CA GLU A 53 3.27 19.59 5.64
C GLU A 53 3.83 18.87 6.89
N GLY A 54 4.50 19.64 7.74
CA GLY A 54 5.10 19.11 8.92
C GLY A 54 6.49 18.58 8.60
N GLN A 55 6.61 17.27 8.50
CA GLN A 55 7.87 16.61 8.21
C GLN A 55 7.71 15.72 6.98
N SER A 56 6.50 15.67 6.48
CA SER A 56 6.17 14.90 5.30
C SER A 56 5.87 15.88 4.17
N TYR A 57 5.87 15.40 2.95
CA TYR A 57 5.55 16.25 1.81
C TYR A 57 4.28 15.73 1.15
N ALA A 58 3.24 16.55 1.15
CA ALA A 58 1.98 16.19 0.55
C ALA A 58 2.14 16.19 -1.00
N LEU A 59 1.95 15.03 -1.61
CA LEU A 59 2.06 14.90 -3.07
C LEU A 59 0.72 14.97 -3.76
N ARG A 60 0.76 15.39 -5.02
CA ARG A 60 -0.42 15.54 -5.86
C ARG A 60 0.06 15.40 -7.32
N TRP A 61 -0.56 14.51 -8.09
CA TRP A 61 -0.18 14.33 -9.49
C TRP A 61 -1.34 14.68 -10.37
N PHE A 62 -1.02 15.29 -11.52
CA PHE A 62 -2.00 15.67 -12.52
C PHE A 62 -1.49 15.39 -13.91
N THR A 63 -2.35 14.91 -14.78
CA THR A 63 -2.00 14.69 -16.14
C THR A 63 -2.77 15.77 -16.98
N PRO A 64 -2.51 15.82 -18.25
CA PRO A 64 -3.30 16.76 -19.01
C PRO A 64 -4.83 16.57 -18.94
N GLU A 65 -5.24 15.35 -18.56
CA GLU A 65 -6.67 15.01 -18.47
C GLU A 65 -7.28 15.36 -17.11
N ARG A 66 -6.65 14.85 -16.03
CA ARG A 66 -7.09 15.11 -14.67
C ARG A 66 -6.14 14.49 -13.62
N GLU A 67 -6.47 14.63 -12.34
CA GLU A 67 -5.63 14.09 -11.25
C GLU A 67 -5.65 12.57 -11.14
N ILE A 68 -4.47 11.97 -11.07
CA ILE A 68 -4.37 10.52 -10.96
C ILE A 68 -4.04 10.08 -9.51
N ASP A 69 -4.37 8.81 -9.21
CA ASP A 69 -4.14 8.23 -7.88
C ASP A 69 -2.67 8.10 -7.52
N LEU A 70 -1.81 7.92 -8.53
CA LEU A 70 -0.40 7.74 -8.28
C LEU A 70 0.40 7.50 -9.56
N CYS A 71 1.63 8.00 -9.60
CA CYS A 71 2.53 7.76 -10.72
C CYS A 71 3.97 7.77 -10.21
N GLY A 72 4.62 6.61 -10.35
CA GLY A 72 5.97 6.42 -9.87
C GLY A 72 7.10 7.32 -10.32
N HIS A 73 7.28 7.46 -11.63
CA HIS A 73 8.38 8.30 -12.13
C HIS A 73 8.27 9.74 -11.67
N ALA A 74 7.05 10.22 -11.48
CA ALA A 74 6.79 11.58 -11.03
C ALA A 74 7.08 11.73 -9.54
N THR A 75 7.04 10.62 -8.82
CA THR A 75 7.32 10.64 -7.41
C THR A 75 8.83 10.69 -7.26
N LEU A 76 9.52 9.90 -8.08
CA LEU A 76 10.95 9.87 -8.08
C LEU A 76 11.48 11.23 -8.44
N ALA A 77 10.82 11.86 -9.43
CA ALA A 77 11.19 13.18 -9.90
C ALA A 77 11.04 14.20 -8.80
N THR A 78 9.91 14.19 -8.11
CA THR A 78 9.66 15.12 -7.02
C THR A 78 10.68 14.93 -5.91
N ALA A 79 11.08 13.69 -5.71
CA ALA A 79 12.06 13.37 -4.70
C ALA A 79 13.40 13.96 -5.12
N PHE A 80 13.77 13.69 -6.37
CA PHE A 80 15.00 14.16 -6.96
C PHE A 80 15.20 15.66 -6.76
N VAL A 81 14.17 16.47 -7.03
CA VAL A 81 14.33 17.91 -6.87
C VAL A 81 14.36 18.37 -5.42
N LEU A 82 13.68 17.64 -4.52
CA LEU A 82 13.71 18.01 -3.11
C LEU A 82 15.11 17.70 -2.56
N PHE A 83 15.64 16.56 -2.93
CA PHE A 83 16.96 16.13 -2.49
C PHE A 83 18.09 17.01 -3.02
N ASN A 84 17.97 17.44 -4.26
CA ASN A 84 19.01 18.26 -4.88
C ASN A 84 18.85 19.75 -4.85
N TYR A 85 17.63 20.24 -4.66
CA TYR A 85 17.41 21.69 -4.66
C TYR A 85 16.74 22.31 -3.45
N TYR A 86 16.19 21.47 -2.56
CA TYR A 86 15.52 22.00 -1.38
C TYR A 86 16.15 21.59 -0.09
N SER A 87 17.40 21.15 -0.19
CA SER A 87 18.23 20.73 0.94
C SER A 87 17.59 19.84 2.00
N VAL A 88 17.35 18.59 1.66
CA VAL A 88 16.81 17.68 2.64
C VAL A 88 18.05 16.87 3.06
N ALA A 89 18.33 16.86 4.35
CA ALA A 89 19.50 16.17 4.88
C ALA A 89 19.33 14.65 4.98
N GLU A 90 18.14 14.24 5.41
CA GLU A 90 17.81 12.82 5.58
C GLU A 90 17.85 12.02 4.27
N GLU A 91 18.26 10.76 4.37
CA GLU A 91 18.34 9.89 3.20
C GLU A 91 16.97 9.40 2.72
N THR A 92 15.91 9.71 3.44
CA THR A 92 14.57 9.27 3.05
C THR A 92 13.53 10.35 3.16
N LEU A 93 12.75 10.49 2.09
CA LEU A 93 11.68 11.48 1.99
C LEU A 93 10.32 10.79 2.23
N HIS A 94 9.46 11.45 3.00
CA HIS A 94 8.15 10.90 3.31
C HIS A 94 7.05 11.77 2.75
N PHE A 95 6.17 11.18 1.93
CA PHE A 95 5.08 11.91 1.33
C PHE A 95 3.73 11.48 1.88
N THR A 96 2.75 12.39 1.82
CA THR A 96 1.41 12.09 2.28
C THR A 96 0.37 12.23 1.15
N SER A 97 0.38 11.27 0.24
CA SER A 97 -0.54 11.29 -0.89
C SER A 97 -1.98 10.90 -0.57
N GLN A 98 -2.80 10.82 -1.63
CA GLN A 98 -4.17 10.43 -1.46
C GLN A 98 -4.23 8.90 -1.39
N SER A 99 -3.14 8.27 -1.85
CA SER A 99 -2.99 6.81 -1.83
C SER A 99 -2.10 6.36 -0.64
N GLY A 100 -2.15 7.12 0.43
CA GLY A 100 -1.38 6.81 1.62
C GLY A 100 0.08 7.19 1.55
N PRO A 101 0.78 7.15 2.70
CA PRO A 101 2.19 7.50 2.81
C PRO A 101 3.10 6.77 1.82
N LEU A 102 4.04 7.54 1.27
CA LEU A 102 5.01 7.05 0.30
C LEU A 102 6.39 7.47 0.77
N ALA A 103 7.41 6.72 0.41
CA ALA A 103 8.76 7.00 0.80
C ALA A 103 9.73 6.70 -0.30
N VAL A 104 10.68 7.61 -0.52
CA VAL A 104 11.71 7.44 -1.54
C VAL A 104 13.03 7.56 -0.78
N THR A 105 13.98 6.73 -1.10
CA THR A 105 15.24 6.77 -0.41
C THR A 105 16.37 7.02 -1.39
N LYS A 106 17.23 7.98 -1.04
CA LYS A 106 18.39 8.34 -1.87
C LYS A 106 19.67 7.64 -1.43
N LYS A 107 20.25 6.88 -2.33
CA LYS A 107 21.47 6.18 -2.06
C LYS A 107 22.37 6.45 -3.24
N GLU A 108 23.31 7.39 -3.08
CA GLU A 108 24.21 7.80 -4.14
C GLU A 108 23.33 8.57 -5.16
N GLU A 109 23.46 8.28 -6.45
CA GLU A 109 22.64 9.00 -7.43
C GLU A 109 21.34 8.25 -7.77
N TYR A 110 20.98 7.26 -6.96
CA TYR A 110 19.76 6.52 -7.20
C TYR A 110 18.71 6.88 -6.19
N TYR A 111 17.46 6.76 -6.63
CA TYR A 111 16.29 7.04 -5.82
C TYR A 111 15.47 5.74 -5.85
N TYR A 112 15.09 5.28 -4.66
CA TYR A 112 14.36 4.03 -4.53
C TYR A 112 12.89 4.12 -4.16
N LEU A 113 12.06 3.50 -4.97
CA LEU A 113 10.63 3.46 -4.76
C LEU A 113 10.26 2.04 -4.41
N ASP A 114 9.20 1.87 -3.67
CA ASP A 114 8.74 0.54 -3.26
C ASP A 114 7.36 0.25 -3.80
N PHE A 115 7.15 -0.96 -4.29
CA PHE A 115 5.86 -1.35 -4.83
C PHE A 115 5.45 -2.73 -4.30
N PRO A 116 4.13 -3.01 -4.24
CA PRO A 116 3.63 -4.30 -3.76
C PRO A 116 4.14 -5.48 -4.58
N TYR A 117 4.44 -6.60 -3.89
CA TYR A 117 4.92 -7.82 -4.55
C TYR A 117 3.70 -8.55 -5.08
N ILE A 118 3.45 -8.40 -6.38
CA ILE A 118 2.31 -9.05 -7.01
C ILE A 118 2.73 -9.93 -8.18
N LEU A 119 2.84 -11.23 -7.94
CA LEU A 119 3.20 -12.16 -8.98
C LEU A 119 1.94 -12.32 -9.87
N PRO A 120 2.05 -12.03 -11.18
CA PRO A 120 0.89 -12.16 -12.07
C PRO A 120 0.52 -13.63 -12.26
N GLU A 121 -0.77 -13.93 -12.27
CA GLU A 121 -1.24 -15.30 -12.45
C GLU A 121 -1.52 -15.68 -13.89
N ARG A 122 -1.08 -16.90 -14.25
CA ARG A 122 -1.27 -17.48 -15.59
C ARG A 122 -2.59 -17.14 -16.26
N ILE A 123 -2.54 -16.85 -17.54
CA ILE A 123 -3.73 -16.51 -18.30
C ILE A 123 -3.63 -17.21 -19.65
N PRO A 124 -4.78 -17.50 -20.29
CA PRO A 124 -4.76 -18.17 -21.60
C PRO A 124 -4.14 -17.26 -22.67
N ILE A 125 -3.28 -17.84 -23.52
CA ILE A 125 -2.63 -17.08 -24.60
C ILE A 125 -3.55 -16.99 -25.82
N LEU A 126 -4.38 -15.94 -25.86
CA LEU A 126 -5.30 -15.74 -26.97
C LEU A 126 -4.54 -15.28 -28.21
N PRO A 127 -4.93 -15.78 -29.40
CA PRO A 127 -4.26 -15.39 -30.64
C PRO A 127 -4.48 -13.91 -30.99
N GLU A 128 -5.53 -13.32 -30.44
CA GLU A 128 -5.81 -11.91 -30.68
C GLU A 128 -4.77 -11.05 -29.96
N TYR A 129 -4.09 -11.68 -28.99
CA TYR A 129 -3.04 -11.02 -28.22
C TYR A 129 -1.81 -10.89 -29.10
N GLU A 130 -1.39 -12.01 -29.68
CA GLU A 130 -0.22 -12.06 -30.56
C GLU A 130 -0.46 -11.22 -31.83
N ALA A 131 -1.73 -11.01 -32.16
CA ALA A 131 -2.11 -10.23 -33.32
C ALA A 131 -1.78 -8.75 -33.11
N ALA A 132 -2.27 -8.20 -31.99
CA ALA A 132 -2.04 -6.80 -31.65
C ALA A 132 -0.54 -6.49 -31.45
N LEU A 133 0.18 -7.43 -30.86
CA LEU A 133 1.62 -7.28 -30.62
C LEU A 133 2.43 -7.45 -31.88
N GLY A 134 1.97 -8.36 -32.73
CA GLY A 134 2.66 -8.63 -33.97
C GLY A 134 3.86 -9.54 -33.71
N THR A 135 3.71 -10.46 -32.75
CA THR A 135 4.79 -11.39 -32.43
C THR A 135 4.26 -12.55 -31.60
N LYS A 136 5.10 -13.55 -31.36
CA LYS A 136 4.73 -14.70 -30.58
C LYS A 136 4.87 -14.46 -29.07
N ILE A 137 3.79 -14.78 -28.35
CA ILE A 137 3.73 -14.65 -26.90
C ILE A 137 3.96 -16.04 -26.31
N TYR A 138 5.12 -16.24 -25.69
CA TYR A 138 5.47 -17.52 -25.08
C TYR A 138 4.69 -17.85 -23.80
N GLU A 139 4.45 -16.83 -22.98
CA GLU A 139 3.73 -17.01 -21.72
C GLU A 139 2.79 -15.82 -21.49
N ALA A 140 1.71 -16.04 -20.78
CA ALA A 140 0.76 -14.97 -20.50
C ALA A 140 0.33 -15.02 -19.04
N TYR A 141 0.12 -13.84 -18.45
CA TYR A 141 -0.28 -13.70 -17.05
C TYR A 141 -1.15 -12.46 -16.88
N LEU A 142 -1.81 -12.33 -15.73
CA LEU A 142 -2.64 -11.17 -15.48
C LEU A 142 -2.43 -10.61 -14.07
N GLY A 143 -2.51 -9.30 -13.97
CA GLY A 143 -2.36 -8.59 -12.73
C GLY A 143 -3.17 -7.35 -12.97
N ARG A 144 -2.62 -6.19 -12.74
CA ARG A 144 -3.35 -4.97 -13.03
C ARG A 144 -3.39 -4.89 -14.56
N ASP A 145 -2.30 -5.34 -15.19
CA ASP A 145 -2.14 -5.35 -16.64
C ASP A 145 -1.87 -6.73 -17.17
N LEU A 146 -2.11 -6.91 -18.47
CA LEU A 146 -1.81 -8.17 -19.12
C LEU A 146 -0.28 -8.27 -19.08
N PHE A 147 0.24 -9.47 -19.03
CA PHE A 147 1.67 -9.65 -18.90
C PHE A 147 2.15 -10.74 -19.86
N PHE A 148 2.76 -10.34 -20.97
CA PHE A 148 3.24 -11.29 -21.96
C PHE A 148 4.75 -11.43 -21.98
N VAL A 149 5.23 -12.64 -22.14
CA VAL A 149 6.66 -12.90 -22.21
C VAL A 149 6.99 -13.18 -23.67
N LEU A 150 8.00 -12.50 -24.19
CA LEU A 150 8.39 -12.64 -25.58
C LEU A 150 9.71 -13.39 -25.77
N LYS A 151 10.09 -13.57 -27.02
CA LYS A 151 11.31 -14.29 -27.39
C LYS A 151 12.62 -13.79 -26.75
N ASP A 152 12.98 -12.53 -27.01
CA ASP A 152 14.21 -11.94 -26.48
C ASP A 152 14.14 -10.41 -26.39
N GLU A 153 15.27 -9.78 -26.04
CA GLU A 153 15.29 -8.32 -25.93
C GLU A 153 15.11 -7.67 -27.29
N GLU A 154 15.74 -8.25 -28.30
CA GLU A 154 15.67 -7.74 -29.64
C GLU A 154 14.21 -7.68 -30.13
N THR A 155 13.43 -8.68 -29.77
CA THR A 155 12.03 -8.73 -30.18
C THR A 155 11.16 -7.73 -29.41
N VAL A 156 11.45 -7.55 -28.13
CA VAL A 156 10.69 -6.63 -27.29
C VAL A 156 10.90 -5.21 -27.79
N ALA A 157 12.16 -4.88 -28.01
CA ALA A 157 12.55 -3.57 -28.48
C ALA A 157 11.96 -3.26 -29.86
N LYS A 158 12.07 -4.22 -30.77
CA LYS A 158 11.59 -4.06 -32.15
C LYS A 158 10.10 -3.96 -32.45
N ILE A 159 9.26 -4.62 -31.65
CA ILE A 159 7.81 -4.60 -31.90
C ILE A 159 7.13 -3.25 -31.97
N THR A 160 6.09 -3.19 -32.79
CA THR A 160 5.29 -2.01 -32.97
C THR A 160 3.85 -2.51 -33.00
N PRO A 161 3.21 -2.55 -31.81
CA PRO A 161 1.84 -3.00 -31.60
C PRO A 161 0.75 -2.16 -32.25
N ASP A 162 -0.37 -2.81 -32.51
CA ASP A 162 -1.54 -2.18 -33.08
C ASP A 162 -2.24 -1.68 -31.83
N PHE A 163 -1.92 -0.45 -31.42
CA PHE A 163 -2.50 0.15 -30.21
C PHE A 163 -4.01 0.22 -30.13
N SER A 164 -4.68 0.24 -31.28
CA SER A 164 -6.14 0.27 -31.29
C SER A 164 -6.65 -1.14 -31.01
N ALA A 165 -5.87 -2.15 -31.41
CA ALA A 165 -6.22 -3.54 -31.19
C ALA A 165 -6.01 -3.91 -29.72
N LEU A 166 -4.98 -3.34 -29.11
CA LEU A 166 -4.67 -3.58 -27.70
C LEU A 166 -5.72 -2.94 -26.79
N LYS A 167 -6.14 -1.74 -27.14
CA LYS A 167 -7.15 -1.00 -26.36
C LYS A 167 -8.44 -1.82 -26.30
N ALA A 168 -8.66 -2.64 -27.33
CA ALA A 168 -9.83 -3.47 -27.46
C ALA A 168 -9.82 -4.72 -26.57
N LEU A 169 -8.62 -5.21 -26.21
CA LEU A 169 -8.52 -6.40 -25.36
C LEU A 169 -9.35 -6.18 -24.08
N ASP A 170 -10.01 -7.23 -23.61
CA ASP A 170 -10.85 -7.12 -22.42
C ASP A 170 -10.16 -7.07 -21.06
N LEU A 171 -9.13 -7.90 -20.87
CA LEU A 171 -8.41 -7.96 -19.60
C LEU A 171 -7.40 -6.84 -19.37
N GLY A 172 -7.15 -6.57 -18.07
CA GLY A 172 -6.18 -5.55 -17.67
C GLY A 172 -6.44 -4.08 -17.98
N VAL A 173 -5.52 -3.25 -17.50
CA VAL A 173 -5.59 -1.80 -17.73
C VAL A 173 -4.59 -1.50 -18.83
N GLY A 174 -3.45 -2.19 -18.76
CA GLY A 174 -2.42 -2.00 -19.75
C GLY A 174 -1.89 -3.32 -20.23
N VAL A 175 -0.72 -3.30 -20.85
CA VAL A 175 -0.09 -4.49 -21.37
C VAL A 175 1.41 -4.40 -21.14
N ILE A 176 1.98 -5.44 -20.59
CA ILE A 176 3.40 -5.51 -20.32
C ILE A 176 3.99 -6.58 -21.18
N VAL A 177 5.19 -6.35 -21.69
CA VAL A 177 5.90 -7.31 -22.51
C VAL A 177 7.30 -7.41 -21.92
N THR A 178 7.81 -8.62 -21.81
CA THR A 178 9.13 -8.84 -21.20
C THR A 178 9.95 -9.88 -21.96
N ALA A 179 11.19 -10.07 -21.50
CA ALA A 179 12.10 -11.04 -22.10
C ALA A 179 13.48 -10.93 -21.44
N SER A 180 14.28 -11.98 -21.56
CA SER A 180 15.63 -11.98 -20.99
C SER A 180 16.48 -10.89 -21.64
N GLY A 181 17.08 -10.05 -20.81
CA GLY A 181 17.92 -8.99 -21.32
C GLY A 181 19.21 -9.54 -21.89
N ASP A 182 19.80 -8.80 -22.84
CA ASP A 182 21.06 -9.22 -23.46
C ASP A 182 22.25 -8.87 -22.56
N SER A 183 22.17 -7.72 -21.91
CA SER A 183 23.25 -7.24 -21.02
C SER A 183 22.70 -6.94 -19.61
N VAL A 184 21.39 -7.14 -19.44
CA VAL A 184 20.74 -6.89 -18.17
C VAL A 184 19.90 -8.14 -17.83
N ASP A 185 19.37 -8.21 -16.62
CA ASP A 185 18.59 -9.39 -16.25
C ASP A 185 17.28 -9.55 -17.04
N PHE A 186 16.53 -8.46 -17.18
CA PHE A 186 15.29 -8.49 -17.93
C PHE A 186 14.90 -7.12 -18.48
N VAL A 187 14.17 -7.12 -19.59
CA VAL A 187 13.72 -5.88 -20.22
C VAL A 187 12.21 -5.87 -20.33
N SER A 188 11.63 -4.69 -20.54
CA SER A 188 10.19 -4.58 -20.67
C SER A 188 9.81 -3.35 -21.45
N ARG A 189 8.51 -3.22 -21.69
CA ARG A 189 7.89 -2.07 -22.38
C ARG A 189 6.45 -2.12 -21.90
N THR A 190 5.87 -0.97 -21.61
CA THR A 190 4.51 -0.95 -21.12
C THR A 190 3.58 -0.07 -21.95
N PHE A 191 2.46 -0.66 -22.39
CA PHE A 191 1.49 0.07 -23.22
C PHE A 191 0.19 0.28 -22.45
N PHE A 192 -0.37 1.47 -22.54
CA PHE A 192 -1.62 1.79 -21.86
C PHE A 192 -2.59 2.57 -22.77
N PRO A 193 -2.98 1.97 -23.93
CA PRO A 193 -3.89 2.65 -24.86
C PRO A 193 -5.27 2.89 -24.26
N LYS A 194 -5.67 2.04 -23.31
CA LYS A 194 -6.98 2.19 -22.67
C LYS A 194 -7.01 3.51 -21.88
N LEU A 195 -5.82 3.98 -21.52
CA LEU A 195 -5.67 5.21 -20.74
C LEU A 195 -5.10 6.39 -21.55
N ARG A 196 -5.27 6.34 -22.88
CA ARG A 196 -4.77 7.39 -23.80
C ARG A 196 -3.25 7.31 -24.00
N ILE A 197 -2.54 6.81 -23.00
CA ILE A 197 -1.09 6.69 -23.08
C ILE A 197 -0.65 5.42 -23.81
N ASN A 198 -0.42 5.54 -25.12
CA ASN A 198 0.02 4.39 -25.93
C ASN A 198 1.17 3.57 -25.32
N GLU A 199 2.23 4.26 -24.89
CA GLU A 199 3.39 3.61 -24.28
C GLU A 199 4.08 4.51 -23.25
N ASP A 200 4.14 4.02 -22.02
CA ASP A 200 4.81 4.73 -20.95
C ASP A 200 6.28 4.33 -21.11
N PRO A 201 7.21 5.30 -21.16
CA PRO A 201 8.62 4.97 -21.30
C PRO A 201 9.10 4.07 -20.16
N VAL A 202 8.61 4.39 -18.94
CA VAL A 202 8.95 3.62 -17.74
C VAL A 202 7.83 3.69 -16.64
N CYS A 203 6.95 2.67 -16.59
CA CYS A 203 5.90 2.63 -15.52
C CYS A 203 6.53 1.76 -14.43
N GLY A 204 6.85 2.38 -13.30
CA GLY A 204 7.46 1.65 -12.20
C GLY A 204 6.52 0.65 -11.56
N SER A 205 5.26 1.05 -11.45
CA SER A 205 4.21 0.21 -10.86
C SER A 205 4.10 -1.13 -11.57
N ALA A 206 4.48 -1.14 -12.84
CA ALA A 206 4.45 -2.34 -13.64
C ALA A 206 5.47 -3.34 -13.14
N HIS A 207 6.49 -2.85 -12.42
CA HIS A 207 7.52 -3.71 -11.90
C HIS A 207 7.09 -4.52 -10.68
N ALA A 208 5.84 -4.31 -10.27
CA ALA A 208 5.23 -5.06 -9.18
C ALA A 208 4.97 -6.48 -9.73
N ASN A 209 4.70 -6.55 -11.04
CA ASN A 209 4.45 -7.81 -11.73
C ASN A 209 5.78 -8.33 -12.29
N LEU A 210 6.56 -7.41 -12.88
CA LEU A 210 7.86 -7.73 -13.48
C LEU A 210 8.89 -8.33 -12.54
N ILE A 211 9.19 -7.62 -11.45
CA ILE A 211 10.18 -8.08 -10.49
C ILE A 211 9.86 -9.47 -9.88
N PRO A 212 8.64 -9.66 -9.34
CA PRO A 212 8.31 -10.96 -8.77
C PRO A 212 8.55 -12.08 -9.81
N TYR A 213 8.00 -11.89 -11.01
CA TYR A 213 8.13 -12.87 -12.08
C TYR A 213 9.57 -13.27 -12.38
N TRP A 214 10.42 -12.28 -12.60
CA TRP A 214 11.82 -12.55 -12.93
C TRP A 214 12.69 -12.98 -11.77
N GLY A 215 12.27 -12.63 -10.56
CA GLY A 215 13.03 -13.04 -9.39
C GLY A 215 12.80 -14.52 -9.19
N LYS A 216 11.52 -14.93 -9.28
CA LYS A 216 11.14 -16.33 -9.13
C LYS A 216 11.74 -17.17 -10.26
N ARG A 217 11.53 -16.72 -11.49
CA ARG A 217 12.03 -17.44 -12.66
C ARG A 217 13.58 -17.50 -12.74
N LEU A 218 14.25 -16.39 -12.41
CA LEU A 218 15.72 -16.37 -12.45
C LEU A 218 16.35 -16.79 -11.15
N ASN A 219 15.53 -16.84 -10.10
CA ASN A 219 15.96 -17.24 -8.76
C ASN A 219 17.02 -16.28 -8.19
N GLN A 220 16.61 -15.01 -8.02
CA GLN A 220 17.49 -13.96 -7.49
C GLN A 220 16.75 -12.98 -6.59
N THR A 221 17.50 -12.29 -5.74
CA THR A 221 16.94 -11.29 -4.83
C THR A 221 17.11 -9.93 -5.50
N THR A 222 18.22 -9.77 -6.22
CA THR A 222 18.50 -8.54 -6.93
C THR A 222 18.62 -8.75 -8.43
N LEU A 223 17.98 -7.89 -9.19
CA LEU A 223 18.00 -7.97 -10.63
C LEU A 223 18.22 -6.61 -11.27
N SER A 224 18.84 -6.62 -12.43
CA SER A 224 19.08 -5.41 -13.20
C SER A 224 18.02 -5.42 -14.32
N ALA A 225 17.37 -4.29 -14.56
CA ALA A 225 16.35 -4.21 -15.58
C ALA A 225 16.49 -2.98 -16.48
N TYR A 226 15.83 -3.01 -17.62
CA TYR A 226 15.87 -1.91 -18.54
C TYR A 226 14.61 -1.89 -19.36
N GLN A 227 13.78 -0.87 -19.16
CA GLN A 227 12.56 -0.74 -19.93
C GLN A 227 12.99 -0.15 -21.28
N VAL A 228 13.10 -1.03 -22.27
CA VAL A 228 13.54 -0.67 -23.60
C VAL A 228 12.53 0.04 -24.52
N SER A 229 12.04 1.16 -24.07
CA SER A 229 11.14 2.02 -24.76
C SER A 229 12.05 2.84 -25.75
N PRO A 230 11.42 3.65 -26.61
CA PRO A 230 12.32 4.51 -27.41
C PRO A 230 13.25 5.34 -26.60
N ARG A 231 12.67 5.87 -25.52
CA ARG A 231 13.41 6.73 -24.60
C ARG A 231 14.38 5.93 -23.73
N GLY A 232 13.99 4.71 -23.39
CA GLY A 232 14.85 3.87 -22.57
C GLY A 232 14.76 4.22 -21.10
N GLY A 233 15.29 3.34 -20.25
CA GLY A 233 15.26 3.60 -18.81
C GLY A 233 15.81 2.43 -18.02
N PHE A 234 16.76 2.70 -17.12
CA PHE A 234 17.35 1.65 -16.30
C PHE A 234 16.71 1.59 -14.93
N LEU A 235 16.66 0.40 -14.36
CA LEU A 235 16.09 0.19 -13.05
C LEU A 235 16.84 -0.90 -12.28
N THR A 236 17.24 -0.60 -11.06
CA THR A 236 17.92 -1.60 -10.24
C THR A 236 16.79 -2.17 -9.35
N CYS A 237 16.60 -3.47 -9.41
CA CYS A 237 15.52 -4.13 -8.67
C CYS A 237 15.93 -5.02 -7.51
N GLU A 238 15.06 -5.08 -6.51
CA GLU A 238 15.29 -5.92 -5.35
C GLU A 238 14.00 -6.55 -4.87
N VAL A 239 14.09 -7.82 -4.50
CA VAL A 239 12.95 -8.55 -3.99
C VAL A 239 13.01 -8.66 -2.48
N LYS A 240 11.95 -8.22 -1.83
CA LYS A 240 11.82 -8.31 -0.40
C LYS A 240 10.59 -9.18 -0.20
N GLU A 241 10.31 -9.58 1.04
CA GLU A 241 9.21 -10.45 1.32
C GLU A 241 8.00 -9.54 1.18
N ASN A 242 7.00 -9.78 0.31
CA ASN A 242 5.79 -8.99 0.12
C ASN A 242 6.01 -7.51 -0.34
N ARG A 243 7.12 -7.24 -1.01
CA ARG A 243 7.39 -5.89 -1.51
C ARG A 243 8.58 -5.91 -2.48
N VAL A 244 8.52 -5.05 -3.52
CA VAL A 244 9.63 -4.96 -4.48
C VAL A 244 10.16 -3.52 -4.52
N ILE A 245 11.47 -3.39 -4.73
CA ILE A 245 12.12 -2.08 -4.77
C ILE A 245 12.78 -1.76 -6.11
N ILE A 246 12.49 -0.58 -6.64
CA ILE A 246 13.12 -0.14 -7.89
C ILE A 246 13.90 1.13 -7.66
N GLY A 247 15.13 1.17 -8.14
CA GLY A 247 15.96 2.35 -7.98
C GLY A 247 16.38 2.90 -9.32
N GLY A 248 16.29 4.20 -9.49
CA GLY A 248 16.69 4.79 -10.77
C GLY A 248 17.31 6.16 -10.67
N THR A 249 18.14 6.51 -11.65
CA THR A 249 18.78 7.82 -11.69
C THR A 249 17.79 8.86 -12.25
N ALA A 250 18.24 10.10 -12.38
CA ALA A 250 17.39 11.17 -12.91
C ALA A 250 18.25 12.29 -13.50
N LYS A 251 17.63 13.08 -14.38
CA LYS A 251 18.31 14.20 -15.03
C LYS A 251 17.43 15.41 -15.19
N LEU A 252 17.93 16.56 -14.77
CA LEU A 252 17.19 17.81 -14.87
C LEU A 252 17.26 18.26 -16.34
N PHE A 253 16.10 18.45 -16.95
CA PHE A 253 16.05 18.92 -18.31
C PHE A 253 15.99 20.43 -18.30
N ALA A 254 15.12 20.97 -17.45
CA ALA A 254 14.94 22.41 -17.34
C ALA A 254 14.49 22.84 -15.95
N LYS A 255 14.74 24.10 -15.65
CA LYS A 255 14.39 24.72 -14.38
C LYS A 255 13.92 26.12 -14.73
N GLY A 256 12.86 26.59 -14.11
CA GLY A 256 12.38 27.92 -14.43
C GLY A 256 11.38 28.40 -13.46
N GLU A 257 10.44 29.23 -13.93
CA GLU A 257 9.39 29.78 -13.10
C GLU A 257 8.12 29.98 -13.93
N ALA A 258 6.96 29.59 -13.37
CA ALA A 258 5.70 29.77 -14.07
C ALA A 258 5.09 31.03 -13.46
N TYR A 259 4.29 31.76 -14.23
CA TYR A 259 3.68 33.00 -13.76
C TYR A 259 2.16 32.87 -13.80
N LEU A 260 1.50 33.23 -12.68
CA LEU A 260 0.04 33.11 -12.59
C LEU A 260 -0.65 34.40 -12.14
N MET B 1 20.89 -10.01 27.92
CA MET B 1 20.05 -10.98 28.68
C MET B 1 18.70 -10.34 29.07
N SER B 2 18.68 -9.01 29.22
CA SER B 2 17.45 -8.28 29.58
C SER B 2 16.88 -7.51 28.38
N TYR B 3 15.61 -7.81 28.05
CA TYR B 3 14.91 -7.19 26.91
C TYR B 3 13.58 -6.58 27.34
N PRO B 4 13.49 -5.25 27.41
CA PRO B 4 12.22 -4.64 27.82
C PRO B 4 11.08 -4.98 26.85
N TYR B 5 9.87 -5.08 27.37
CA TYR B 5 8.71 -5.36 26.54
C TYR B 5 7.51 -4.65 27.12
N TYR B 6 6.47 -4.53 26.33
CA TYR B 6 5.26 -3.85 26.75
C TYR B 6 4.07 -4.64 26.25
N ILE B 7 2.98 -4.62 27.01
CA ILE B 7 1.77 -5.31 26.64
C ILE B 7 0.74 -4.23 26.61
N VAL B 8 0.23 -3.91 25.44
CA VAL B 8 -0.75 -2.86 25.31
C VAL B 8 -2.03 -3.32 24.65
N ASP B 9 -3.14 -2.77 25.13
CA ASP B 9 -4.44 -3.08 24.59
C ASP B 9 -4.74 -1.96 23.59
N ALA B 10 -4.56 -2.25 22.32
CA ALA B 10 -4.80 -1.27 21.26
C ALA B 10 -6.31 -1.06 21.04
N PHE B 11 -6.68 0.21 20.85
CA PHE B 11 -8.09 0.62 20.66
C PHE B 11 -8.89 0.51 21.93
N ALA B 12 -8.20 0.55 23.06
CA ALA B 12 -8.85 0.43 24.35
C ALA B 12 -8.62 1.65 25.23
N GLU B 13 -9.62 2.03 25.98
CA GLU B 13 -9.53 3.16 26.88
C GLU B 13 -9.09 2.67 28.28
N GLU B 14 -9.37 1.39 28.55
CA GLU B 14 -9.01 0.76 29.82
C GLU B 14 -8.52 -0.65 29.51
N VAL B 15 -7.80 -1.27 30.46
CA VAL B 15 -7.30 -2.63 30.24
C VAL B 15 -8.45 -3.64 30.18
N PHE B 16 -8.15 -4.79 29.57
CA PHE B 16 -9.10 -5.89 29.38
C PHE B 16 -10.03 -5.63 28.19
N LYS B 17 -9.90 -4.45 27.57
CA LYS B 17 -10.69 -4.08 26.40
C LYS B 17 -9.77 -3.99 25.18
N GLY B 18 -10.29 -3.54 24.06
CA GLY B 18 -9.48 -3.41 22.87
C GLY B 18 -8.86 -4.72 22.41
N ASN B 19 -7.74 -4.63 21.70
CA ASN B 19 -7.04 -5.80 21.19
C ASN B 19 -5.59 -5.76 21.69
N PRO B 20 -5.17 -6.78 22.47
CA PRO B 20 -3.83 -6.89 23.04
C PRO B 20 -2.69 -7.35 22.14
N ALA B 21 -1.52 -6.78 22.38
CA ALA B 21 -0.31 -7.13 21.63
C ALA B 21 0.93 -6.79 22.48
N ALA B 22 1.99 -7.57 22.32
CA ALA B 22 3.23 -7.34 23.03
C ALA B 22 4.19 -6.69 22.07
N VAL B 23 4.90 -5.65 22.49
CA VAL B 23 5.84 -5.02 21.60
C VAL B 23 7.24 -4.97 22.19
N TYR B 24 8.22 -5.35 21.39
CA TYR B 24 9.60 -5.34 21.81
C TYR B 24 10.43 -4.35 21.01
N VAL B 25 10.92 -3.31 21.65
CA VAL B 25 11.78 -2.36 20.98
C VAL B 25 13.22 -2.81 21.27
N LEU B 26 13.83 -3.40 20.26
CA LEU B 26 15.20 -3.92 20.35
C LEU B 26 16.25 -2.92 19.79
N GLU B 27 17.49 -3.02 20.30
CA GLU B 27 18.57 -2.14 19.83
C GLU B 27 19.22 -2.74 18.58
N LYS B 28 18.93 -4.01 18.32
CA LYS B 28 19.43 -4.75 17.16
C LYS B 28 18.50 -5.95 16.95
N TRP B 29 18.57 -6.58 15.80
CA TRP B 29 17.71 -7.71 15.51
C TRP B 29 18.10 -9.05 16.14
N LEU B 30 17.11 -9.73 16.68
CA LEU B 30 17.30 -11.05 17.27
C LEU B 30 17.09 -12.04 16.13
N PRO B 31 17.58 -13.28 16.30
CA PRO B 31 17.42 -14.29 15.24
C PRO B 31 15.92 -14.56 15.03
N GLU B 32 15.56 -14.97 13.83
CA GLU B 32 14.17 -15.27 13.50
C GLU B 32 13.55 -16.23 14.47
N ALA B 33 14.28 -17.30 14.76
CA ALA B 33 13.83 -18.35 15.67
C ALA B 33 13.42 -17.80 17.02
N VAL B 34 14.31 -17.02 17.62
CA VAL B 34 14.09 -16.42 18.93
C VAL B 34 12.85 -15.56 18.98
N MET B 35 12.61 -14.78 17.93
CA MET B 35 11.44 -13.91 17.89
C MET B 35 10.15 -14.74 17.76
N GLN B 36 10.25 -15.85 17.06
CA GLN B 36 9.12 -16.76 16.89
C GLN B 36 8.79 -17.40 18.24
N ASN B 37 9.83 -17.89 18.90
CA ASN B 37 9.71 -18.52 20.20
C ASN B 37 9.15 -17.57 21.25
N ILE B 38 9.48 -16.29 21.14
CA ILE B 38 8.97 -15.31 22.10
C ILE B 38 7.46 -15.15 21.91
N ALA B 39 7.02 -15.22 20.66
CA ALA B 39 5.60 -15.08 20.32
C ALA B 39 4.80 -16.29 20.80
N ILE B 40 5.40 -17.48 20.68
CA ILE B 40 4.75 -18.71 21.12
C ILE B 40 4.62 -18.64 22.65
N GLU B 41 5.72 -18.24 23.29
CA GLU B 41 5.82 -18.11 24.73
C GLU B 41 4.74 -17.26 25.38
N ASN B 42 4.64 -15.98 25.01
CA ASN B 42 3.63 -15.12 25.62
C ASN B 42 2.24 -15.38 25.11
N ASN B 43 2.15 -16.22 24.08
CA ASN B 43 0.90 -16.65 23.47
C ASN B 43 -0.13 -15.55 23.21
N LEU B 44 0.32 -14.36 22.94
CA LEU B 44 -0.60 -13.27 22.65
C LEU B 44 -0.96 -13.26 21.17
N SER B 45 -1.97 -12.47 20.82
CA SER B 45 -2.44 -12.36 19.45
C SER B 45 -1.26 -12.19 18.49
N GLU B 46 -0.50 -11.13 18.69
CA GLU B 46 0.67 -10.82 17.90
C GLU B 46 1.74 -10.21 18.81
N THR B 47 2.99 -10.42 18.46
CA THR B 47 4.12 -9.85 19.19
C THR B 47 4.94 -9.08 18.17
N ALA B 48 5.00 -7.77 18.32
CA ALA B 48 5.72 -6.91 17.40
C ALA B 48 7.14 -6.56 17.88
N PHE B 49 8.11 -6.77 17.00
CA PHE B 49 9.52 -6.46 17.29
C PHE B 49 9.95 -5.34 16.34
N THR B 50 10.59 -4.31 16.88
CA THR B 50 11.03 -3.20 16.06
C THR B 50 12.45 -2.77 16.42
N VAL B 51 13.14 -2.19 15.44
CA VAL B 51 14.51 -1.69 15.64
C VAL B 51 14.72 -0.44 14.76
N LYS B 52 15.09 0.67 15.40
CA LYS B 52 15.32 1.92 14.70
C LYS B 52 16.42 1.76 13.65
N GLU B 53 16.05 1.93 12.39
CA GLU B 53 17.02 1.83 11.30
C GLU B 53 17.07 3.16 10.56
N GLY B 54 17.93 4.05 11.06
CA GLY B 54 18.06 5.37 10.49
C GLY B 54 17.07 6.31 11.15
N GLN B 55 16.02 6.62 10.44
CA GLN B 55 14.98 7.53 10.92
C GLN B 55 13.63 6.81 10.92
N SER B 56 13.64 5.60 10.39
CA SER B 56 12.47 4.78 10.33
C SER B 56 12.62 3.64 11.32
N TYR B 57 11.54 2.95 11.60
CA TYR B 57 11.59 1.84 12.51
C TYR B 57 11.17 0.58 11.76
N ALA B 58 12.07 -0.35 11.62
CA ALA B 58 11.78 -1.60 10.96
C ALA B 58 10.82 -2.43 11.84
N LEU B 59 9.66 -2.76 11.30
CA LEU B 59 8.66 -3.54 12.04
C LEU B 59 8.69 -5.02 11.62
N ARG B 60 8.26 -5.86 12.55
CA ARG B 60 8.21 -7.29 12.33
C ARG B 60 7.10 -7.83 13.25
N TRP B 61 6.15 -8.61 12.71
CA TRP B 61 5.08 -9.16 13.53
C TRP B 61 5.10 -10.65 13.50
N PHE B 62 4.81 -11.27 14.63
CA PHE B 62 4.79 -12.73 14.76
C PHE B 62 3.62 -13.14 15.60
N THR B 63 2.93 -14.18 15.20
CA THR B 63 1.85 -14.73 15.98
C THR B 63 2.38 -16.08 16.54
N PRO B 64 1.65 -16.71 17.44
CA PRO B 64 2.16 -18.00 17.95
C PRO B 64 2.48 -19.06 16.88
N GLU B 65 1.92 -18.88 15.68
CA GLU B 65 2.14 -19.83 14.57
C GLU B 65 3.40 -19.48 13.72
N ARG B 66 3.44 -18.25 13.23
CA ARG B 66 4.59 -17.71 12.46
C ARG B 66 4.47 -16.23 12.16
N GLU B 67 5.42 -15.69 11.38
CA GLU B 67 5.42 -14.28 11.03
C GLU B 67 4.36 -13.91 10.03
N ILE B 68 3.62 -12.83 10.31
CA ILE B 68 2.57 -12.39 9.41
C ILE B 68 2.99 -11.13 8.60
N ASP B 69 2.32 -10.93 7.46
CA ASP B 69 2.59 -9.81 6.55
C ASP B 69 2.27 -8.44 7.17
N LEU B 70 1.29 -8.40 8.08
CA LEU B 70 0.91 -7.14 8.69
C LEU B 70 -0.25 -7.29 9.66
N CYS B 71 -0.25 -6.50 10.72
CA CYS B 71 -1.36 -6.46 11.67
C CYS B 71 -1.46 -5.07 12.29
N GLY B 72 -2.61 -4.45 12.06
CA GLY B 72 -2.87 -3.10 12.49
C GLY B 72 -2.79 -2.74 13.96
N HIS B 73 -3.53 -3.45 14.80
CA HIS B 73 -3.52 -3.13 16.22
C HIS B 73 -2.11 -3.21 16.82
N ALA B 74 -1.29 -4.12 16.30
CA ALA B 74 0.07 -4.32 16.76
C ALA B 74 0.97 -3.20 16.30
N THR B 75 0.60 -2.56 15.20
CA THR B 75 1.37 -1.46 14.67
C THR B 75 1.06 -0.25 15.54
N LEU B 76 -0.21 -0.08 15.87
CA LEU B 76 -0.64 1.01 16.71
C LEU B 76 0.02 0.88 18.08
N ALA B 77 0.08 -0.35 18.58
CA ALA B 77 0.69 -0.63 19.87
C ALA B 77 2.16 -0.27 19.87
N THR B 78 2.88 -0.70 18.83
CA THR B 78 4.31 -0.41 18.70
C THR B 78 4.53 1.08 18.64
N ALA B 79 3.60 1.79 18.01
CA ALA B 79 3.70 3.22 17.89
C ALA B 79 3.48 3.83 19.26
N PHE B 80 2.45 3.36 19.94
CA PHE B 80 2.09 3.81 21.27
C PHE B 80 3.25 3.79 22.25
N VAL B 81 4.03 2.70 22.25
CA VAL B 81 5.16 2.59 23.16
C VAL B 81 6.36 3.45 22.75
N LEU B 82 6.57 3.62 21.44
CA LEU B 82 7.66 4.46 20.96
C LEU B 82 7.34 5.91 21.33
N PHE B 83 6.09 6.32 21.12
CA PHE B 83 5.67 7.68 21.42
C PHE B 83 5.73 8.03 22.91
N ASN B 84 5.31 7.08 23.74
CA ASN B 84 5.27 7.32 25.19
C ASN B 84 6.46 6.86 26.03
N TYR B 85 7.29 5.99 25.49
CA TYR B 85 8.42 5.49 26.28
C TYR B 85 9.80 5.60 25.66
N TYR B 86 9.86 5.92 24.35
CA TYR B 86 11.15 6.06 23.67
C TYR B 86 11.41 7.46 23.14
N SER B 87 10.67 8.42 23.68
CA SER B 87 10.80 9.82 23.34
C SER B 87 10.93 10.21 21.89
N VAL B 88 9.86 10.06 21.12
CA VAL B 88 9.90 10.48 19.74
C VAL B 88 9.19 11.82 19.77
N ALA B 89 9.87 12.86 19.29
CA ALA B 89 9.32 14.21 19.29
C ALA B 89 8.29 14.45 18.18
N GLU B 90 8.59 13.93 17.00
CA GLU B 90 7.71 14.09 15.84
C GLU B 90 6.34 13.47 16.02
N GLU B 91 5.33 14.11 15.43
CA GLU B 91 3.97 13.61 15.52
C GLU B 91 3.71 12.38 14.63
N THR B 92 4.69 12.00 13.81
CA THR B 92 4.52 10.85 12.96
C THR B 92 5.70 9.89 12.99
N LEU B 93 5.37 8.61 13.10
CA LEU B 93 6.37 7.55 13.16
C LEU B 93 6.39 6.84 11.82
N HIS B 94 7.58 6.55 11.29
CA HIS B 94 7.71 5.86 10.01
C HIS B 94 8.36 4.50 10.17
N PHE B 95 7.67 3.46 9.68
CA PHE B 95 8.16 2.08 9.76
C PHE B 95 8.55 1.53 8.41
N THR B 96 9.48 0.56 8.41
CA THR B 96 9.89 -0.08 7.17
C THR B 96 9.65 -1.60 7.21
N SER B 97 8.37 -1.97 7.08
CA SER B 97 8.03 -3.39 7.08
C SER B 97 8.27 -4.12 5.76
N GLN B 98 7.96 -5.41 5.78
CA GLN B 98 8.10 -6.25 4.63
C GLN B 98 6.94 -5.90 3.68
N SER B 99 5.89 -5.26 4.21
CA SER B 99 4.77 -4.83 3.37
C SER B 99 4.87 -3.34 3.00
N GLY B 100 6.11 -2.85 2.89
CA GLY B 100 6.33 -1.46 2.55
C GLY B 100 6.17 -0.47 3.71
N PRO B 101 6.62 0.77 3.51
CA PRO B 101 6.55 1.83 4.52
C PRO B 101 5.17 2.03 5.12
N LEU B 102 5.15 2.22 6.43
CA LEU B 102 3.93 2.44 7.18
C LEU B 102 4.12 3.68 8.03
N ALA B 103 3.04 4.35 8.36
CA ALA B 103 3.12 5.56 9.16
C ALA B 103 1.93 5.64 10.11
N VAL B 104 2.22 6.05 11.35
CA VAL B 104 1.19 6.20 12.37
C VAL B 104 1.36 7.61 12.86
N THR B 105 0.27 8.31 13.08
CA THR B 105 0.33 9.69 13.49
C THR B 105 -0.39 9.88 14.83
N LYS B 106 0.29 10.51 15.78
CA LYS B 106 -0.26 10.75 17.10
C LYS B 106 -0.89 12.14 17.20
N LYS B 107 -2.15 12.18 17.56
CA LYS B 107 -2.87 13.43 17.71
C LYS B 107 -3.64 13.29 19.01
N GLU B 108 -3.10 13.89 20.07
CA GLU B 108 -3.69 13.82 21.39
C GLU B 108 -3.46 12.38 21.88
N GLU B 109 -4.49 11.73 22.42
CA GLU B 109 -4.30 10.36 22.85
C GLU B 109 -4.71 9.33 21.79
N TYR B 110 -4.84 9.77 20.53
CA TYR B 110 -5.17 8.85 19.45
C TYR B 110 -4.00 8.63 18.56
N TYR B 111 -3.98 7.46 17.94
CA TYR B 111 -2.95 7.05 17.01
C TYR B 111 -3.72 6.71 15.75
N TYR B 112 -3.26 7.21 14.61
CA TYR B 112 -3.93 7.02 13.33
C TYR B 112 -3.20 6.13 12.33
N LEU B 113 -3.91 5.13 11.85
CA LEU B 113 -3.38 4.21 10.86
C LEU B 113 -4.14 4.46 9.56
N ASP B 114 -3.53 4.14 8.45
CA ASP B 114 -4.14 4.34 7.16
C ASP B 114 -4.26 3.03 6.42
N PHE B 115 -5.40 2.81 5.76
CA PHE B 115 -5.63 1.60 5.00
C PHE B 115 -6.24 1.92 3.65
N PRO B 116 -6.01 1.06 2.66
CA PRO B 116 -6.56 1.28 1.30
C PRO B 116 -8.10 1.40 1.28
N TYR B 117 -8.62 2.27 0.42
CA TYR B 117 -10.09 2.46 0.29
C TYR B 117 -10.60 1.37 -0.62
N ILE B 118 -11.19 0.32 -0.04
CA ILE B 118 -11.73 -0.80 -0.81
C ILE B 118 -13.20 -1.04 -0.52
N LEU B 119 -14.06 -0.54 -1.39
CA LEU B 119 -15.49 -0.74 -1.25
C LEU B 119 -15.75 -2.19 -1.65
N PRO B 120 -16.34 -3.00 -0.73
CA PRO B 120 -16.60 -4.39 -1.07
C PRO B 120 -17.73 -4.48 -2.12
N GLU B 121 -17.60 -5.41 -3.06
CA GLU B 121 -18.60 -5.57 -4.12
C GLU B 121 -19.67 -6.61 -3.80
N ARG B 122 -20.93 -6.25 -4.11
CA ARG B 122 -22.12 -7.11 -3.91
C ARG B 122 -21.88 -8.58 -4.16
N ILE B 123 -22.46 -9.42 -3.31
CA ILE B 123 -22.30 -10.86 -3.44
C ILE B 123 -23.65 -11.48 -3.15
N PRO B 124 -23.92 -12.69 -3.72
CA PRO B 124 -25.24 -13.34 -3.45
C PRO B 124 -25.33 -13.75 -1.98
N ILE B 125 -26.50 -13.51 -1.37
CA ILE B 125 -26.73 -13.87 0.04
C ILE B 125 -27.13 -15.36 0.14
N LEU B 126 -26.15 -16.23 0.33
CA LEU B 126 -26.39 -17.66 0.45
C LEU B 126 -26.99 -17.96 1.80
N PRO B 127 -27.97 -18.90 1.86
CA PRO B 127 -28.61 -19.25 3.14
C PRO B 127 -27.63 -19.94 4.12
N GLU B 128 -26.57 -20.51 3.59
CA GLU B 128 -25.56 -21.16 4.42
C GLU B 128 -24.79 -20.10 5.20
N TYR B 129 -24.88 -18.86 4.74
CA TYR B 129 -24.22 -17.75 5.40
C TYR B 129 -25.01 -17.42 6.65
N GLU B 130 -26.32 -17.23 6.49
CA GLU B 130 -27.21 -16.91 7.61
C GLU B 130 -27.26 -18.05 8.61
N ALA B 131 -26.95 -19.25 8.14
CA ALA B 131 -26.95 -20.43 8.99
C ALA B 131 -25.80 -20.38 9.98
N ALA B 132 -24.60 -20.12 9.48
CA ALA B 132 -23.42 -20.05 10.34
C ALA B 132 -23.48 -18.87 11.33
N LEU B 133 -24.05 -17.77 10.91
CA LEU B 133 -24.18 -16.57 11.74
C LEU B 133 -25.30 -16.72 12.74
N GLY B 134 -26.37 -17.39 12.32
CA GLY B 134 -27.53 -17.59 13.16
C GLY B 134 -28.40 -16.35 13.18
N THR B 135 -28.45 -15.65 12.04
CA THR B 135 -29.26 -14.44 11.94
C THR B 135 -29.47 -14.07 10.48
N LYS B 136 -30.36 -13.11 10.23
CA LYS B 136 -30.65 -12.64 8.88
C LYS B 136 -29.62 -11.64 8.37
N ILE B 137 -29.12 -11.91 7.17
CA ILE B 137 -28.15 -11.08 6.51
C ILE B 137 -28.93 -10.25 5.48
N TYR B 138 -29.00 -8.94 5.72
CA TYR B 138 -29.71 -8.02 4.85
C TYR B 138 -28.97 -7.72 3.53
N GLU B 139 -27.65 -7.63 3.59
CA GLU B 139 -26.84 -7.34 2.42
C GLU B 139 -25.55 -8.13 2.53
N ALA B 140 -24.95 -8.46 1.40
CA ALA B 140 -23.71 -9.22 1.36
C ALA B 140 -22.76 -8.63 0.32
N TYR B 141 -21.46 -8.61 0.65
CA TYR B 141 -20.42 -8.08 -0.22
C TYR B 141 -19.14 -8.88 -0.02
N LEU B 142 -18.16 -8.69 -0.89
CA LEU B 142 -16.90 -9.41 -0.79
C LEU B 142 -15.72 -8.50 -1.05
N GLY B 143 -14.65 -8.76 -0.34
CA GLY B 143 -13.43 -8.02 -0.46
C GLY B 143 -12.41 -9.03 -0.07
N ARG B 144 -11.56 -8.71 0.90
CA ARG B 144 -10.59 -9.67 1.36
C ARG B 144 -11.41 -10.69 2.15
N ASP B 145 -12.44 -10.17 2.87
CA ASP B 145 -13.35 -10.97 3.69
C ASP B 145 -14.78 -10.84 3.23
N LEU B 146 -15.63 -11.76 3.65
CA LEU B 146 -17.05 -11.70 3.33
C LEU B 146 -17.57 -10.55 4.16
N PHE B 147 -18.54 -9.83 3.67
CA PHE B 147 -19.06 -8.66 4.36
C PHE B 147 -20.58 -8.70 4.44
N PHE B 148 -21.11 -8.96 5.63
CA PHE B 148 -22.55 -9.04 5.81
C PHE B 148 -23.08 -7.92 6.66
N VAL B 149 -24.24 -7.38 6.26
CA VAL B 149 -24.88 -6.32 7.01
C VAL B 149 -26.06 -6.95 7.75
N LEU B 150 -26.15 -6.66 9.03
CA LEU B 150 -27.21 -7.22 9.88
C LEU B 150 -28.23 -6.20 10.32
N LYS B 151 -29.24 -6.66 11.06
CA LYS B 151 -30.32 -5.81 11.51
C LYS B 151 -29.94 -4.56 12.28
N ASP B 152 -29.27 -4.73 13.41
CA ASP B 152 -28.87 -3.58 14.24
C ASP B 152 -27.65 -3.90 15.11
N GLU B 153 -27.28 -2.97 16.01
CA GLU B 153 -26.13 -3.20 16.88
C GLU B 153 -26.41 -4.31 17.85
N GLU B 154 -27.62 -4.33 18.40
CA GLU B 154 -28.02 -5.34 19.35
C GLU B 154 -27.84 -6.78 18.76
N THR B 155 -28.16 -6.94 17.48
CA THR B 155 -28.02 -8.23 16.82
C THR B 155 -26.57 -8.61 16.53
N VAL B 156 -25.77 -7.63 16.14
CA VAL B 156 -24.35 -7.86 15.84
C VAL B 156 -23.64 -8.31 17.12
N ALA B 157 -23.88 -7.56 18.19
CA ALA B 157 -23.31 -7.84 19.49
C ALA B 157 -23.69 -9.23 20.02
N LYS B 158 -25.00 -9.51 19.97
CA LYS B 158 -25.56 -10.76 20.47
C LYS B 158 -25.24 -12.07 19.76
N ILE B 159 -24.99 -12.04 18.46
CA ILE B 159 -24.72 -13.27 17.74
C ILE B 159 -23.56 -14.15 18.22
N THR B 160 -23.72 -15.44 18.02
CA THR B 160 -22.71 -16.40 18.38
C THR B 160 -22.66 -17.42 17.22
N PRO B 161 -21.81 -17.13 16.25
CA PRO B 161 -21.59 -17.93 15.04
C PRO B 161 -21.05 -19.33 15.23
N ASP B 162 -21.38 -20.20 14.29
CA ASP B 162 -20.91 -21.55 14.29
C ASP B 162 -19.60 -21.41 13.53
N PHE B 163 -18.53 -21.15 14.27
CA PHE B 163 -17.20 -20.95 13.69
C PHE B 163 -16.66 -22.03 12.81
N SER B 164 -17.13 -23.27 12.98
CA SER B 164 -16.68 -24.35 12.11
C SER B 164 -17.43 -24.26 10.79
N ALA B 165 -18.65 -23.72 10.83
CA ALA B 165 -19.47 -23.55 9.64
C ALA B 165 -18.92 -22.42 8.79
N LEU B 166 -18.44 -21.36 9.46
CA LEU B 166 -17.86 -20.19 8.80
C LEU B 166 -16.54 -20.52 8.14
N LYS B 167 -15.73 -21.35 8.79
CA LYS B 167 -14.45 -21.75 8.26
C LYS B 167 -14.65 -22.49 6.95
N ALA B 168 -15.81 -23.14 6.83
CA ALA B 168 -16.18 -23.92 5.67
C ALA B 168 -16.57 -23.08 4.45
N LEU B 169 -17.07 -21.86 4.68
CA LEU B 169 -17.48 -20.98 3.57
C LEU B 169 -16.33 -20.84 2.55
N ASP B 170 -16.66 -20.85 1.27
CA ASP B 170 -15.64 -20.76 0.24
C ASP B 170 -14.99 -19.40 0.01
N LEU B 171 -15.78 -18.34 0.00
CA LEU B 171 -15.28 -17.00 -0.25
C LEU B 171 -14.58 -16.31 0.95
N GLY B 172 -13.68 -15.39 0.63
CA GLY B 172 -12.98 -14.63 1.65
C GLY B 172 -12.00 -15.33 2.58
N VAL B 173 -11.33 -14.52 3.39
CA VAL B 173 -10.37 -15.00 4.37
C VAL B 173 -11.08 -15.00 5.71
N GLY B 174 -11.83 -13.92 5.95
CA GLY B 174 -12.57 -13.80 7.18
C GLY B 174 -14.03 -13.47 6.90
N VAL B 175 -14.71 -12.95 7.90
CA VAL B 175 -16.11 -12.59 7.77
C VAL B 175 -16.31 -11.38 8.61
N ILE B 176 -16.95 -10.37 8.05
CA ILE B 176 -17.23 -9.14 8.75
C ILE B 176 -18.73 -8.99 8.85
N VAL B 177 -19.20 -8.50 9.99
CA VAL B 177 -20.62 -8.26 10.20
C VAL B 177 -20.76 -6.80 10.68
N THR B 178 -21.75 -6.08 10.16
CA THR B 178 -21.94 -4.68 10.51
C THR B 178 -23.40 -4.31 10.69
N ALA B 179 -23.64 -3.08 11.10
CA ALA B 179 -24.98 -2.56 11.30
C ALA B 179 -24.91 -1.16 11.90
N SER B 180 -25.99 -0.40 11.79
CA SER B 180 -26.04 0.95 12.33
C SER B 180 -25.84 0.93 13.84
N GLY B 181 -24.92 1.73 14.33
CA GLY B 181 -24.68 1.80 15.74
C GLY B 181 -25.80 2.52 16.45
N ASP B 182 -25.99 2.24 17.73
CA ASP B 182 -27.03 2.88 18.52
C ASP B 182 -26.58 4.26 18.99
N SER B 183 -25.29 4.37 19.35
CA SER B 183 -24.71 5.63 19.83
C SER B 183 -23.50 6.06 18.98
N VAL B 184 -23.16 5.24 18.01
CA VAL B 184 -22.03 5.51 17.14
C VAL B 184 -22.52 5.36 15.69
N ASP B 185 -21.72 5.74 14.72
CA ASP B 185 -22.17 5.64 13.32
C ASP B 185 -22.37 4.19 12.85
N PHE B 186 -21.42 3.31 13.15
CA PHE B 186 -21.53 1.90 12.77
C PHE B 186 -20.69 0.98 13.66
N VAL B 187 -21.14 -0.25 13.79
CA VAL B 187 -20.46 -1.26 14.60
C VAL B 187 -20.06 -2.45 13.77
N SER B 188 -19.15 -3.25 14.27
CA SER B 188 -18.71 -4.43 13.54
C SER B 188 -18.13 -5.50 14.48
N ARG B 189 -17.81 -6.65 13.91
CA ARG B 189 -17.17 -7.77 14.61
C ARG B 189 -16.51 -8.52 13.48
N THR B 190 -15.34 -9.05 13.70
CA THR B 190 -14.64 -9.74 12.65
C THR B 190 -14.20 -11.13 13.06
N PHE B 191 -14.55 -12.12 12.24
CA PHE B 191 -14.22 -13.50 12.53
C PHE B 191 -13.22 -14.04 11.51
N PHE B 192 -12.24 -14.79 11.99
CA PHE B 192 -11.24 -15.38 11.10
C PHE B 192 -10.92 -16.84 11.44
N PRO B 193 -11.95 -17.74 11.42
CA PRO B 193 -11.72 -19.15 11.75
C PRO B 193 -10.80 -19.85 10.77
N LYS B 194 -10.77 -19.39 9.53
CA LYS B 194 -9.90 -19.99 8.51
C LYS B 194 -8.43 -19.80 8.91
N LEU B 195 -8.19 -18.77 9.71
CA LEU B 195 -6.86 -18.41 10.20
C LEU B 195 -6.65 -18.73 11.71
N ARG B 196 -7.39 -19.72 12.22
CA ARG B 196 -7.31 -20.13 13.62
C ARG B 196 -7.90 -19.12 14.61
N ILE B 197 -7.91 -17.85 14.22
CA ILE B 197 -8.45 -16.78 15.06
C ILE B 197 -9.98 -16.65 14.90
N ASN B 198 -10.73 -17.30 15.78
CA ASN B 198 -12.19 -17.27 15.72
C ASN B 198 -12.78 -15.86 15.61
N GLU B 199 -12.30 -14.94 16.43
CA GLU B 199 -12.78 -13.56 16.43
C GLU B 199 -11.70 -12.56 16.86
N ASP B 200 -11.35 -11.64 15.98
CA ASP B 200 -10.37 -10.62 16.29
C ASP B 200 -11.19 -9.52 16.99
N PRO B 201 -10.73 -9.06 18.17
CA PRO B 201 -11.48 -8.01 18.90
C PRO B 201 -11.61 -6.74 18.06
N VAL B 202 -10.53 -6.42 17.32
CA VAL B 202 -10.49 -5.25 16.44
C VAL B 202 -9.51 -5.34 15.25
N CYS B 203 -9.95 -5.84 14.07
CA CYS B 203 -9.02 -5.93 12.94
C CYS B 203 -9.23 -4.57 12.25
N GLY B 204 -8.15 -3.77 12.21
CA GLY B 204 -8.23 -2.47 11.58
C GLY B 204 -8.32 -2.55 10.06
N SER B 205 -7.62 -3.52 9.48
CA SER B 205 -7.61 -3.74 8.04
C SER B 205 -9.00 -4.01 7.49
N ALA B 206 -9.88 -4.49 8.37
CA ALA B 206 -11.24 -4.78 7.99
C ALA B 206 -11.97 -3.49 7.70
N HIS B 207 -11.49 -2.39 8.28
CA HIS B 207 -12.13 -1.09 8.08
C HIS B 207 -11.86 -0.48 6.72
N ALA B 208 -11.10 -1.21 5.91
CA ALA B 208 -10.83 -0.84 4.54
C ALA B 208 -12.14 -1.08 3.77
N ASN B 209 -12.90 -2.08 4.22
CA ASN B 209 -14.19 -2.43 3.62
C ASN B 209 -15.29 -1.67 4.36
N LEU B 210 -15.20 -1.67 5.70
CA LEU B 210 -16.18 -1.00 6.56
C LEU B 210 -16.36 0.47 6.31
N ILE B 211 -15.26 1.24 6.40
CA ILE B 211 -15.34 2.68 6.22
C ILE B 211 -15.94 3.11 4.88
N PRO B 212 -15.40 2.60 3.74
CA PRO B 212 -15.96 2.97 2.45
C PRO B 212 -17.47 2.74 2.39
N TYR B 213 -17.88 1.53 2.81
CA TYR B 213 -19.28 1.17 2.81
C TYR B 213 -20.16 2.11 3.57
N TRP B 214 -19.77 2.43 4.79
CA TRP B 214 -20.57 3.31 5.64
C TRP B 214 -20.47 4.78 5.30
N GLY B 215 -19.38 5.18 4.68
CA GLY B 215 -19.23 6.56 4.29
C GLY B 215 -20.16 6.81 3.12
N LYS B 216 -20.13 5.89 2.15
CA LYS B 216 -20.99 6.00 0.98
C LYS B 216 -22.44 5.91 1.37
N ARG B 217 -22.79 4.90 2.17
CA ARG B 217 -24.16 4.69 2.60
C ARG B 217 -24.71 5.79 3.52
N LEU B 218 -23.88 6.27 4.42
CA LEU B 218 -24.31 7.33 5.34
C LEU B 218 -24.04 8.73 4.78
N ASN B 219 -23.21 8.78 3.76
CA ASN B 219 -22.84 10.03 3.08
C ASN B 219 -22.08 10.97 4.03
N GLN B 220 -20.93 10.49 4.49
CA GLN B 220 -20.09 11.26 5.41
C GLN B 220 -18.60 11.07 5.12
N THR B 221 -17.79 12.01 5.59
CA THR B 221 -16.34 11.94 5.41
C THR B 221 -15.78 11.37 6.70
N THR B 222 -16.41 11.72 7.83
CA THR B 222 -15.97 11.23 9.14
C THR B 222 -17.07 10.45 9.83
N LEU B 223 -16.68 9.28 10.36
CA LEU B 223 -17.61 8.40 11.06
C LEU B 223 -17.03 7.88 12.37
N SER B 224 -17.90 7.62 13.31
CA SER B 224 -17.52 7.06 14.59
C SER B 224 -17.88 5.57 14.50
N ALA B 225 -17.00 4.71 14.96
CA ALA B 225 -17.26 3.27 14.92
C ALA B 225 -16.93 2.57 16.22
N TYR B 226 -17.40 1.35 16.36
CA TYR B 226 -17.14 0.56 17.54
C TYR B 226 -17.23 -0.91 17.21
N GLN B 227 -16.10 -1.60 17.25
CA GLN B 227 -16.10 -3.02 16.98
C GLN B 227 -16.60 -3.68 18.29
N VAL B 228 -17.90 -4.01 18.31
CA VAL B 228 -18.52 -4.57 19.48
C VAL B 228 -18.26 -6.06 19.78
N SER B 229 -17.00 -6.40 19.92
CA SER B 229 -16.57 -7.73 20.27
C SER B 229 -16.73 -7.82 21.81
N PRO B 230 -16.52 -9.01 22.39
CA PRO B 230 -16.59 -9.03 23.87
C PRO B 230 -15.72 -7.98 24.54
N ARG B 231 -14.50 -7.86 24.01
CA ARG B 231 -13.53 -6.90 24.54
C ARG B 231 -13.89 -5.47 24.19
N GLY B 232 -14.47 -5.25 23.01
CA GLY B 232 -14.84 -3.91 22.62
C GLY B 232 -13.69 -3.13 22.04
N GLY B 233 -14.01 -2.01 21.40
CA GLY B 233 -12.97 -1.18 20.79
C GLY B 233 -13.54 -0.04 19.96
N PHE B 234 -13.12 1.18 20.26
CA PHE B 234 -13.58 2.35 19.53
C PHE B 234 -12.60 2.72 18.41
N LEU B 235 -13.15 3.33 17.36
CA LEU B 235 -12.36 3.76 16.21
C LEU B 235 -12.95 5.04 15.62
N THR B 236 -12.11 6.03 15.40
CA THR B 236 -12.57 7.26 14.78
C THR B 236 -12.15 7.08 13.32
N CYS B 237 -13.09 7.21 12.41
CA CYS B 237 -12.83 7.00 11.00
C CYS B 237 -12.92 8.22 10.10
N GLU B 238 -12.12 8.22 9.05
CA GLU B 238 -12.14 9.30 8.10
C GLU B 238 -11.94 8.76 6.70
N VAL B 239 -12.71 9.31 5.75
CA VAL B 239 -12.59 8.89 4.39
C VAL B 239 -12.01 9.95 3.47
N LYS B 240 -10.95 9.64 2.83
CA LYS B 240 -10.37 10.53 1.83
C LYS B 240 -10.49 9.76 0.54
N GLU B 241 -9.90 10.35 -0.49
CA GLU B 241 -9.92 9.75 -1.81
C GLU B 241 -8.86 8.63 -1.85
N ASN B 242 -9.31 7.44 -2.19
CA ASN B 242 -8.28 6.39 -2.27
C ASN B 242 -7.49 6.05 -0.97
N ARG B 243 -8.16 6.15 0.17
CA ARG B 243 -7.51 5.84 1.45
C ARG B 243 -8.45 6.09 2.65
N VAL B 244 -8.42 5.20 3.64
CA VAL B 244 -9.23 5.40 4.85
C VAL B 244 -8.34 5.47 6.09
N ILE B 245 -8.77 6.26 7.06
CA ILE B 245 -8.00 6.48 8.29
C ILE B 245 -8.76 6.10 9.56
N ILE B 246 -8.11 5.28 10.39
CA ILE B 246 -8.70 4.87 11.68
C ILE B 246 -7.81 5.35 12.82
N GLY B 247 -8.40 5.92 13.82
CA GLY B 247 -7.64 6.38 14.96
C GLY B 247 -8.16 5.75 16.24
N GLY B 248 -7.27 5.30 17.09
CA GLY B 248 -7.71 4.69 18.34
C GLY B 248 -6.80 4.93 19.52
N THR B 249 -7.37 4.87 20.72
CA THR B 249 -6.59 5.04 21.94
C THR B 249 -5.86 3.75 22.27
N ALA B 250 -5.11 3.75 23.37
CA ALA B 250 -4.36 2.55 23.80
C ALA B 250 -4.13 2.55 25.32
N LYS B 251 -3.84 1.38 25.86
CA LYS B 251 -3.61 1.24 27.29
C LYS B 251 -2.55 0.23 27.58
N LEU B 252 -1.59 0.61 28.43
CA LEU B 252 -0.50 -0.28 28.83
C LEU B 252 -1.04 -1.24 29.89
N PHE B 253 -0.94 -2.53 29.61
CA PHE B 253 -1.36 -3.52 30.55
C PHE B 253 -0.18 -3.89 31.44
N ALA B 254 0.97 -4.09 30.81
CA ALA B 254 2.15 -4.46 31.54
C ALA B 254 3.43 -4.02 30.88
N LYS B 255 4.49 -3.94 31.67
CA LYS B 255 5.80 -3.54 31.21
C LYS B 255 6.77 -4.43 31.99
N GLY B 256 7.73 -5.00 31.32
CA GLY B 256 8.68 -5.84 32.01
C GLY B 256 9.92 -6.07 31.22
N GLU B 257 10.55 -7.23 31.43
CA GLU B 257 11.78 -7.60 30.73
C GLU B 257 11.80 -9.10 30.51
N ALA B 258 12.14 -9.52 29.29
CA ALA B 258 12.25 -10.94 29.00
C ALA B 258 13.75 -11.28 29.10
N TYR B 259 14.05 -12.51 29.49
CA TYR B 259 15.46 -12.94 29.64
C TYR B 259 15.78 -14.07 28.68
N LEU B 260 16.88 -13.94 27.94
CA LEU B 260 17.27 -14.96 26.95
C LEU B 260 18.72 -15.47 27.09
#